data_3IB2
#
_entry.id   3IB2
#
_cell.length_a   63.319
_cell.length_b   50.480
_cell.length_c   66.116
_cell.angle_alpha   90.00
_cell.angle_beta   107.75
_cell.angle_gamma   90.00
#
_symmetry.space_group_name_H-M   'P 1 21 1'
#
loop_
_entity.id
_entity.type
_entity.pdbx_description
1 polymer Lactotransferrin
2 branched alpha-D-mannopyranose-(1-4)-2-acetamido-2-deoxy-beta-D-glucopyranose-(1-4)-2-acetamido-2-deoxy-beta-D-glucopyranose
3 branched 2-acetamido-2-deoxy-beta-D-glucopyranose-(1-4)-2-acetamido-2-deoxy-beta-D-glucopyranose
4 non-polymer IBUPROFEN
5 non-polymer 'FE (III) ION'
6 non-polymer 'CARBONATE ION'
7 non-polymer 'ZINC ION'
8 non-polymer 'SULFATE ION'
9 water water
#
_entity_poly.entity_id   1
_entity_poly.type   'polypeptide(L)'
_entity_poly.pdbx_seq_one_letter_code
;YTRVVWCAVGPEEQKKCQQWSQQSGQNVTCATASTTDDCIVLVLKGEADALNLDGGYIYTAGKCGLVPVLAENRKSSKHS
SLDCVLRPTEGYLAVAVVKKANEGLTWNSLKDKKSCHTAVDRTAGWNIPMGLIVNQTGSCAFDEFFSQSCAPGADPKSRL
CALCAGDDQGLDKCVPNSKEKYYGYTGAFRCLAEDVGDVAFVKNDTVWENTNGESTADWAKNLKREDFRLLCLDGTRKPV
TEAQSCHLAVAPNHAVVSRSDRAAHVEQVLLHQQALFGKNGKNCPDKFCLFKSETKNLLFNDNTECLAKLGGRPTYEEYL
GTEYVTAIANLKKCSTSPLLEACAF
;
_entity_poly.pdbx_strand_id   A
#
loop_
_chem_comp.id
_chem_comp.type
_chem_comp.name
_chem_comp.formula
CO3 non-polymer 'CARBONATE ION' 'C O3 -2'
FE non-polymer 'FE (III) ION' 'Fe 3'
IBP non-polymer IBUPROFEN 'C13 H18 O2'
MAN D-saccharide, alpha linking alpha-D-mannopyranose 'C6 H12 O6'
NAG D-saccharide, beta linking 2-acetamido-2-deoxy-beta-D-glucopyranose 'C8 H15 N O6'
SO4 non-polymer 'SULFATE ION' 'O4 S -2'
ZN non-polymer 'ZINC ION' 'Zn 2'
#
# COMPACT_ATOMS: atom_id res chain seq x y z
N TYR A 1 -29.28 3.29 -5.39
CA TYR A 1 -29.10 1.95 -5.95
C TYR A 1 -28.43 1.02 -4.93
N THR A 2 -28.78 1.19 -3.66
CA THR A 2 -27.92 1.90 -2.72
C THR A 2 -27.24 0.94 -1.76
N ARG A 3 -27.13 -0.32 -2.17
CA ARG A 3 -26.23 -1.30 -1.50
C ARG A 3 -24.85 -1.49 -2.24
N VAL A 4 -23.75 -1.48 -1.49
CA VAL A 4 -22.43 -1.65 -2.08
C VAL A 4 -21.78 -2.94 -1.54
N VAL A 5 -21.19 -3.69 -2.45
CA VAL A 5 -20.39 -4.85 -2.08
C VAL A 5 -18.91 -4.52 -2.09
N TRP A 6 -18.27 -4.69 -0.94
CA TRP A 6 -16.90 -4.22 -0.78
C TRP A 6 -16.09 -5.48 -1.06
N CYS A 7 -14.91 -5.37 -1.68
CA CYS A 7 -14.11 -6.61 -1.88
C CYS A 7 -12.97 -6.63 -0.86
N ALA A 8 -12.96 -7.63 0.00
CA ALA A 8 -11.90 -7.80 0.99
C ALA A 8 -10.80 -8.77 0.50
N VAL A 9 -9.54 -8.47 0.82
CA VAL A 9 -8.45 -9.31 0.38
C VAL A 9 -7.89 -10.08 1.55
N GLY A 10 -8.22 -11.37 1.59
CA GLY A 10 -7.85 -12.28 2.67
C GLY A 10 -8.78 -12.24 3.88
N PRO A 11 -8.49 -13.22 4.80
CA PRO A 11 -9.41 -13.45 5.92
C PRO A 11 -9.51 -12.35 6.98
N GLU A 12 -8.51 -11.61 7.28
CA GLU A 12 -8.58 -10.53 8.29
C GLU A 12 -9.31 -9.29 7.77
N GLU A 13 -9.25 -9.05 6.45
CA GLU A 13 -9.97 -7.93 5.85
C GLU A 13 -11.39 -8.38 5.79
N GLN A 14 -11.62 -9.69 5.58
CA GLN A 14 -12.97 -10.22 5.62
C GLN A 14 -13.67 -10.01 6.98
N LYS A 15 -12.97 -10.39 8.04
CA LYS A 15 -13.39 -10.07 9.41
C LYS A 15 -13.81 -8.62 9.57
N LYS A 16 -12.88 -7.70 9.28
CA LYS A 16 -13.18 -6.29 9.45
C LYS A 16 -14.38 -5.84 8.57
N CYS A 17 -14.46 -6.36 7.37
CA CYS A 17 -15.56 -6.06 6.47
C CYS A 17 -16.91 -6.51 7.03
N GLN A 18 -16.99 -7.72 7.59
CA GLN A 18 -18.25 -8.27 8.10
C GLN A 18 -18.78 -7.48 9.30
N GLN A 19 -17.85 -7.01 10.11
CA GLN A 19 -18.09 -6.02 11.15
C GLN A 19 -18.69 -4.69 10.67
N TRP A 20 -18.07 -4.14 9.61
CA TRP A 20 -18.53 -2.92 8.95
C TRP A 20 -19.89 -3.24 8.36
N SER A 21 -20.07 -4.47 7.84
CA SER A 21 -21.30 -4.82 7.14
C SER A 21 -22.46 -4.77 8.12
N GLN A 22 -22.26 -5.40 9.29
CA GLN A 22 -23.18 -5.39 10.43
C GLN A 22 -23.61 -4.01 10.93
N GLN A 23 -22.63 -3.18 11.31
CA GLN A 23 -22.83 -1.77 11.69
C GLN A 23 -23.49 -0.88 10.66
N SER A 24 -23.35 -1.22 9.38
CA SER A 24 -23.88 -0.37 8.31
C SER A 24 -25.34 -0.69 8.03
N GLY A 25 -25.86 -1.73 8.69
CA GLY A 25 -27.23 -2.21 8.42
C GLY A 25 -27.37 -2.98 7.10
N GLN A 26 -26.27 -3.57 6.65
CA GLN A 26 -26.19 -4.21 5.33
C GLN A 26 -26.24 -3.16 4.24
N ASN A 27 -25.95 -1.91 4.56
CA ASN A 27 -25.72 -0.96 3.48
C ASN A 27 -24.42 -1.29 2.66
N VAL A 28 -23.46 -1.94 3.33
CA VAL A 28 -22.27 -2.50 2.73
C VAL A 28 -22.29 -3.96 3.07
N THR A 29 -21.99 -4.80 2.07
CA THR A 29 -21.72 -6.20 2.29
C THR A 29 -20.34 -6.54 1.66
N CYS A 30 -19.89 -7.77 1.84
CA CYS A 30 -18.51 -8.21 1.65
C CYS A 30 -18.43 -9.38 0.71
N ALA A 31 -17.57 -9.25 -0.30
CA ALA A 31 -17.02 -10.35 -1.08
C ALA A 31 -15.54 -10.46 -0.63
N THR A 32 -14.97 -11.66 -0.67
CA THR A 32 -13.58 -11.87 -0.27
C THR A 32 -12.84 -12.55 -1.40
N ALA A 33 -11.60 -12.13 -1.66
CA ALA A 33 -10.70 -12.91 -2.54
C ALA A 33 -9.33 -13.10 -1.87
N SER A 34 -8.52 -13.98 -2.42
CA SER A 34 -7.16 -14.21 -1.92
C SER A 34 -6.15 -13.16 -2.37
N THR A 35 -6.47 -12.36 -3.37
CA THR A 35 -5.47 -11.45 -3.87
C THR A 35 -6.21 -10.27 -4.36
N THR A 36 -5.48 -9.16 -4.45
CA THR A 36 -6.01 -7.96 -5.07
C THR A 36 -6.43 -8.16 -6.52
N ASP A 37 -5.58 -8.81 -7.34
CA ASP A 37 -5.96 -9.04 -8.75
C ASP A 37 -7.32 -9.76 -8.84
N ASP A 38 -7.54 -10.70 -7.93
CA ASP A 38 -8.77 -11.42 -7.92
C ASP A 38 -9.98 -10.55 -7.56
N CYS A 39 -9.80 -9.65 -6.58
CA CYS A 39 -10.82 -8.69 -6.25
C CYS A 39 -11.07 -7.77 -7.46
N ILE A 40 -10.02 -7.43 -8.20
CA ILE A 40 -10.20 -6.63 -9.42
C ILE A 40 -11.08 -7.40 -10.43
N VAL A 41 -10.87 -8.71 -10.54
CA VAL A 41 -11.74 -9.51 -11.46
C VAL A 41 -13.22 -9.54 -10.98
N LEU A 42 -13.45 -9.65 -9.66
CA LEU A 42 -14.81 -9.60 -9.11
C LEU A 42 -15.53 -8.32 -9.48
N VAL A 43 -14.82 -7.17 -9.36
CA VAL A 43 -15.35 -5.84 -9.75
C VAL A 43 -15.75 -5.80 -11.24
N LEU A 44 -14.86 -6.22 -12.14
CA LEU A 44 -15.15 -6.29 -13.57
C LEU A 44 -16.36 -7.13 -13.87
N LYS A 45 -16.49 -8.27 -13.20
CA LYS A 45 -17.64 -9.15 -13.42
C LYS A 45 -18.92 -8.50 -12.85
N GLY A 46 -18.77 -7.49 -12.00
CA GLY A 46 -19.90 -6.95 -11.33
C GLY A 46 -20.35 -7.71 -10.11
N GLU A 47 -19.54 -8.67 -9.67
CA GLU A 47 -19.87 -9.45 -8.48
C GLU A 47 -19.45 -8.71 -7.18
N ALA A 48 -18.52 -7.73 -7.27
CA ALA A 48 -18.27 -6.75 -6.19
C ALA A 48 -18.31 -5.31 -6.80
N ASP A 49 -18.39 -4.31 -5.92
CA ASP A 49 -18.39 -2.89 -6.34
C ASP A 49 -17.05 -2.11 -6.24
N ALA A 50 -16.29 -2.31 -5.17
CA ALA A 50 -15.24 -1.35 -4.89
C ALA A 50 -14.28 -1.95 -3.95
N LEU A 51 -13.08 -1.40 -3.91
CA LEU A 51 -12.05 -1.70 -2.94
C LEU A 51 -11.06 -0.54 -3.11
N ASN A 52 -10.25 -0.33 -2.08
CA ASN A 52 -9.20 0.64 -1.99
C ASN A 52 -7.89 0.01 -2.42
N LEU A 53 -7.15 0.67 -3.31
CA LEU A 53 -5.98 0.10 -3.97
C LEU A 53 -4.77 1.02 -3.89
N ASP A 54 -3.60 0.45 -3.62
CA ASP A 54 -2.35 1.15 -3.92
C ASP A 54 -2.25 1.57 -5.45
N GLY A 55 -1.61 2.69 -5.74
CA GLY A 55 -1.30 3.09 -7.11
C GLY A 55 -0.86 2.05 -8.14
N GLY A 56 0.04 1.10 -7.82
CA GLY A 56 0.49 0.08 -8.82
C GLY A 56 -0.68 -0.81 -9.30
N TYR A 57 -1.62 -1.03 -8.39
CA TYR A 57 -2.87 -1.71 -8.75
C TYR A 57 -3.92 -0.83 -9.40
N ILE A 58 -3.87 0.49 -9.18
CA ILE A 58 -4.77 1.41 -9.91
C ILE A 58 -4.40 1.36 -11.39
N TYR A 59 -3.12 1.17 -11.69
CA TYR A 59 -2.65 0.92 -13.06
C TYR A 59 -3.26 -0.31 -13.75
N THR A 60 -3.09 -1.51 -13.16
CA THR A 60 -3.75 -2.74 -13.56
C THR A 60 -5.27 -2.57 -13.78
N ALA A 61 -5.96 -2.01 -12.81
CA ALA A 61 -7.36 -1.89 -12.88
C ALA A 61 -7.83 -0.85 -13.93
N GLY A 62 -7.02 0.15 -14.19
CA GLY A 62 -7.41 1.21 -15.04
C GLY A 62 -7.29 0.77 -16.48
N LYS A 63 -6.26 -0.03 -16.78
CA LYS A 63 -6.21 -0.68 -18.09
C LYS A 63 -7.44 -1.55 -18.36
N CYS A 64 -8.08 -2.08 -17.30
CA CYS A 64 -9.29 -2.90 -17.46
C CYS A 64 -10.59 -2.09 -17.42
N GLY A 65 -10.48 -0.76 -17.40
CA GLY A 65 -11.64 0.11 -17.41
C GLY A 65 -12.12 0.58 -16.03
N LEU A 66 -11.50 0.16 -14.93
CA LEU A 66 -11.94 0.72 -13.64
C LEU A 66 -11.44 2.18 -13.41
N VAL A 67 -12.09 2.92 -12.54
CA VAL A 67 -11.86 4.33 -12.37
C VAL A 67 -11.70 4.68 -10.91
N PRO A 68 -10.75 5.56 -10.63
CA PRO A 68 -10.58 6.18 -9.32
C PRO A 68 -11.84 6.90 -8.90
N VAL A 69 -12.27 6.69 -7.66
CA VAL A 69 -13.52 7.29 -7.21
C VAL A 69 -13.31 8.29 -6.07
N LEU A 70 -12.51 7.92 -5.11
CA LEU A 70 -12.26 8.70 -3.90
C LEU A 70 -10.86 8.30 -3.43
N ALA A 71 -10.10 9.30 -2.90
CA ALA A 71 -8.72 9.03 -2.48
C ALA A 71 -8.52 9.10 -0.97
N GLU A 72 -7.64 8.26 -0.41
CA GLU A 72 -7.20 8.46 0.99
C GLU A 72 -6.49 9.80 1.23
N ASN A 73 -6.83 10.46 2.33
CA ASN A 73 -6.23 11.75 2.64
C ASN A 73 -5.78 11.73 4.10
N ARG A 74 -4.55 12.21 4.42
CA ARG A 74 -4.12 12.25 5.83
C ARG A 74 -3.91 13.71 6.33
N LYS A 75 -3.41 13.82 7.56
CA LYS A 75 -3.13 15.12 8.22
C LYS A 75 -2.05 16.01 7.56
N SER A 76 -2.51 16.94 6.74
CA SER A 76 -1.60 17.82 6.04
C SER A 76 -1.19 19.02 6.89
N SER A 77 0.10 19.28 6.94
CA SER A 77 0.56 20.51 7.58
C SER A 77 -0.06 21.73 6.84
N LYS A 78 0.31 21.93 5.55
CA LYS A 78 -0.25 22.94 4.63
C LYS A 78 -1.74 22.61 4.42
N HIS A 79 -2.47 23.47 3.69
CA HIS A 79 -3.92 23.29 3.37
C HIS A 79 -4.83 23.18 4.62
N SER A 80 -4.87 24.28 5.46
CA SER A 80 -5.40 24.34 6.87
C SER A 80 -6.86 24.06 7.30
N SER A 81 -7.80 24.95 7.07
CA SER A 81 -9.18 24.62 7.61
C SER A 81 -10.15 24.22 6.43
N LEU A 82 -9.57 24.07 5.21
CA LEU A 82 -10.16 23.39 4.09
C LEU A 82 -10.62 22.01 4.62
N ASP A 83 -11.89 21.68 4.38
CA ASP A 83 -12.44 20.42 4.86
C ASP A 83 -11.68 19.28 4.23
N CYS A 84 -11.36 18.27 5.04
CA CYS A 84 -10.64 17.05 4.56
C CYS A 84 -11.22 16.44 3.26
N VAL A 85 -12.55 16.41 3.15
CA VAL A 85 -13.17 15.80 1.99
C VAL A 85 -12.88 16.53 0.68
N LEU A 86 -12.46 17.80 0.77
CA LEU A 86 -12.27 18.68 -0.39
C LEU A 86 -10.80 19.09 -0.58
N ARG A 87 -9.95 18.64 0.34
CA ARG A 87 -8.55 18.97 0.33
C ARG A 87 -7.82 18.11 -0.71
N PRO A 88 -6.94 18.74 -1.52
CA PRO A 88 -6.13 17.92 -2.46
C PRO A 88 -5.26 16.94 -1.67
N THR A 89 -5.12 15.71 -2.17
CA THR A 89 -4.18 14.75 -1.62
C THR A 89 -2.71 15.17 -1.82
N GLU A 90 -1.85 14.87 -0.85
CA GLU A 90 -0.45 15.31 -0.94
C GLU A 90 0.50 14.32 -1.64
N GLY A 91 0.22 13.03 -1.50
CA GLY A 91 1.14 11.98 -2.01
C GLY A 91 1.92 11.42 -0.83
N TYR A 92 2.62 10.33 -1.00
CA TYR A 92 3.37 9.87 0.14
C TYR A 92 4.74 9.57 -0.32
N LEU A 93 5.69 9.58 0.61
CA LEU A 93 7.08 9.41 0.26
C LEU A 93 7.49 7.98 0.29
N ALA A 94 7.95 7.47 -0.84
CA ALA A 94 8.54 6.15 -0.91
C ALA A 94 10.02 6.20 -0.44
N VAL A 95 10.42 5.34 0.48
CA VAL A 95 11.77 5.40 1.05
C VAL A 95 12.38 4.00 1.08
N ALA A 96 13.71 3.91 1.17
CA ALA A 96 14.42 2.66 1.48
C ALA A 96 15.03 2.80 2.87
N VAL A 97 14.71 1.88 3.76
CA VAL A 97 15.11 1.96 5.16
C VAL A 97 16.06 0.79 5.49
N VAL A 98 17.12 1.14 6.24
CA VAL A 98 18.10 0.19 6.78
C VAL A 98 18.31 0.43 8.32
N LYS A 99 18.99 -0.53 8.96
CA LYS A 99 19.33 -0.46 10.36
C LYS A 99 20.60 0.36 10.39
N LYS A 100 20.66 1.24 11.35
CA LYS A 100 21.81 2.08 11.51
C LYS A 100 23.10 1.24 11.72
N ALA A 101 22.97 0.10 12.41
CA ALA A 101 24.08 -0.71 12.82
C ALA A 101 24.71 -1.41 11.65
N ASN A 102 24.01 -1.38 10.53
CA ASN A 102 24.47 -1.99 9.28
C ASN A 102 25.24 -0.92 8.52
N GLU A 103 26.45 -0.65 9.03
CA GLU A 103 27.24 0.50 8.61
C GLU A 103 27.70 0.34 7.17
N GLY A 104 27.86 1.44 6.46
CA GLY A 104 28.32 1.30 5.08
C GLY A 104 27.41 0.60 4.04
N LEU A 105 26.16 0.30 4.39
CA LEU A 105 25.18 -0.08 3.36
C LEU A 105 24.57 1.20 2.86
N THR A 106 24.65 1.45 1.55
CA THR A 106 24.05 2.64 0.92
C THR A 106 23.34 2.19 -0.38
N TRP A 107 22.66 3.10 -1.09
CA TRP A 107 22.04 2.79 -2.39
C TRP A 107 22.98 2.08 -3.36
N ASN A 108 24.24 2.54 -3.35
CA ASN A 108 25.30 2.01 -4.16
C ASN A 108 25.83 0.60 -3.76
N SER A 109 25.44 0.06 -2.61
CA SER A 109 25.96 -1.27 -2.21
C SER A 109 24.83 -2.24 -1.84
N LEU A 110 23.70 -2.09 -2.54
CA LEU A 110 22.49 -2.90 -2.32
C LEU A 110 22.61 -4.27 -2.99
N LYS A 111 23.42 -4.34 -4.04
CA LYS A 111 23.59 -5.59 -4.75
C LYS A 111 23.93 -6.77 -3.84
N ASP A 112 23.19 -7.86 -4.00
CA ASP A 112 23.43 -9.08 -3.27
C ASP A 112 23.02 -9.00 -1.78
N LYS A 113 22.34 -7.90 -1.34
CA LYS A 113 21.81 -7.89 0.02
C LYS A 113 20.43 -8.57 0.05
N LYS A 114 19.80 -8.49 1.21
CA LYS A 114 18.50 -9.09 1.42
C LYS A 114 17.47 -7.97 1.49
N SER A 115 16.39 -8.08 0.74
CA SER A 115 15.38 -6.99 0.68
C SER A 115 13.98 -7.43 1.15
N CYS A 116 13.18 -6.46 1.60
CA CYS A 116 11.81 -6.64 2.07
C CYS A 116 10.94 -5.68 1.32
N HIS A 117 9.92 -6.20 0.63
CA HIS A 117 9.03 -5.45 -0.27
C HIS A 117 7.61 -5.66 0.18
N THR A 118 6.76 -4.67 -0.06
CA THR A 118 5.36 -4.75 0.36
C THR A 118 4.59 -5.92 -0.30
N ALA A 119 4.75 -6.01 -1.63
CA ALA A 119 4.20 -7.07 -2.53
C ALA A 119 4.64 -6.70 -3.94
N VAL A 120 4.86 -7.68 -4.79
CA VAL A 120 5.00 -7.37 -6.22
C VAL A 120 3.88 -6.42 -6.71
N ASP A 121 4.24 -5.48 -7.60
CA ASP A 121 3.30 -4.50 -8.20
C ASP A 121 2.81 -3.32 -7.37
N ARG A 122 3.30 -3.17 -6.15
CA ARG A 122 2.95 -2.02 -5.32
C ARG A 122 3.91 -0.83 -5.56
N THR A 123 3.42 0.40 -5.39
CA THR A 123 4.23 1.56 -5.62
C THR A 123 5.57 1.68 -4.84
N ALA A 124 5.50 1.77 -3.52
CA ALA A 124 6.74 2.03 -2.77
C ALA A 124 7.51 0.71 -2.61
N GLY A 125 6.79 -0.40 -2.53
CA GLY A 125 7.47 -1.69 -2.33
C GLY A 125 8.14 -2.35 -3.52
N TRP A 126 7.71 -1.97 -4.72
CA TRP A 126 8.09 -2.72 -5.95
C TRP A 126 8.36 -1.80 -7.13
N ASN A 127 7.32 -1.11 -7.62
CA ASN A 127 7.45 -0.31 -8.82
C ASN A 127 8.56 0.71 -8.76
N ILE A 128 8.64 1.48 -7.67
CA ILE A 128 9.64 2.54 -7.57
C ILE A 128 11.04 1.92 -7.41
N PRO A 129 11.23 1.09 -6.36
CA PRO A 129 12.63 0.70 -6.18
C PRO A 129 13.19 -0.16 -7.32
N MET A 130 12.38 -1.05 -7.91
CA MET A 130 12.81 -1.91 -9.03
C MET A 130 12.93 -1.25 -10.41
N GLY A 131 12.10 -0.22 -10.67
CA GLY A 131 12.20 0.61 -11.86
C GLY A 131 13.54 1.35 -11.83
N LEU A 132 13.86 1.92 -10.67
CA LEU A 132 15.17 2.53 -10.48
C LEU A 132 16.29 1.54 -10.75
N ILE A 133 16.24 0.36 -10.13
CA ILE A 133 17.34 -0.59 -10.24
C ILE A 133 17.49 -1.21 -11.66
N VAL A 134 16.37 -1.49 -12.35
CA VAL A 134 16.45 -1.87 -13.78
C VAL A 134 17.09 -0.72 -14.60
N ASN A 135 16.57 0.49 -14.44
CA ASN A 135 17.20 1.65 -15.09
C ASN A 135 18.70 1.66 -14.86
N GLN A 136 19.11 1.57 -13.59
CA GLN A 136 20.51 1.65 -13.24
C GLN A 136 21.39 0.52 -13.72
N THR A 137 20.97 -0.72 -13.57
CA THR A 137 21.83 -1.80 -14.03
C THR A 137 21.74 -1.97 -15.56
N GLY A 138 20.91 -1.17 -16.22
CA GLY A 138 20.43 -1.44 -17.56
C GLY A 138 20.10 -2.88 -17.85
N SER A 139 19.54 -3.60 -16.87
CA SER A 139 19.24 -5.02 -16.98
C SER A 139 17.80 -5.32 -16.48
N CYS A 140 17.11 -6.27 -17.11
CA CYS A 140 15.76 -6.73 -16.68
C CYS A 140 15.76 -7.88 -15.66
N ALA A 141 16.94 -8.32 -15.26
CA ALA A 141 17.00 -9.43 -14.33
C ALA A 141 16.91 -8.95 -12.87
N PHE A 142 15.85 -8.23 -12.54
CA PHE A 142 15.62 -7.81 -11.13
C PHE A 142 15.50 -9.01 -10.15
N ASP A 143 15.12 -10.18 -10.67
CA ASP A 143 15.08 -11.40 -9.86
C ASP A 143 16.46 -11.87 -9.39
N GLU A 144 17.51 -11.20 -9.82
CA GLU A 144 18.86 -11.65 -9.56
C GLU A 144 19.71 -10.58 -8.96
N PHE A 145 19.09 -9.47 -8.58
CA PHE A 145 19.79 -8.38 -7.96
C PHE A 145 20.01 -8.59 -6.49
N PHE A 146 18.95 -8.90 -5.73
CA PHE A 146 19.13 -9.18 -4.31
C PHE A 146 19.45 -10.63 -4.23
N SER A 147 20.14 -11.04 -3.18
CA SER A 147 20.45 -12.46 -3.04
C SER A 147 19.19 -13.21 -2.60
N GLN A 148 18.42 -12.57 -1.73
CA GLN A 148 17.18 -13.14 -1.13
C GLN A 148 16.25 -12.00 -0.78
N SER A 149 14.96 -12.28 -0.91
CA SER A 149 13.90 -11.31 -0.76
C SER A 149 12.67 -11.88 -0.09
N CYS A 150 11.85 -11.00 0.49
CA CYS A 150 10.44 -11.33 0.62
C CYS A 150 9.66 -10.34 -0.26
N ALA A 151 9.11 -10.82 -1.37
CA ALA A 151 8.31 -10.00 -2.31
C ALA A 151 6.96 -10.71 -2.50
N PRO A 152 6.02 -10.52 -1.57
CA PRO A 152 4.79 -11.34 -1.65
C PRO A 152 4.17 -11.22 -3.04
N GLY A 153 3.70 -12.34 -3.58
CA GLY A 153 3.21 -12.26 -4.98
C GLY A 153 4.12 -12.85 -6.06
N ALA A 154 5.42 -13.02 -5.80
CA ALA A 154 6.31 -13.76 -6.74
C ALA A 154 6.23 -15.32 -6.51
N ASP A 155 6.98 -16.10 -7.27
CA ASP A 155 6.98 -17.52 -7.23
C ASP A 155 7.46 -18.00 -5.84
N PRO A 156 6.61 -18.76 -5.11
CA PRO A 156 7.06 -19.12 -3.76
C PRO A 156 8.34 -19.94 -3.73
N LYS A 157 8.64 -20.60 -4.85
CA LYS A 157 9.89 -21.32 -5.02
C LYS A 157 11.09 -20.44 -5.36
N SER A 158 10.91 -19.24 -5.92
CA SER A 158 12.08 -18.38 -6.27
C SER A 158 12.76 -17.73 -5.07
N ARG A 159 13.92 -17.11 -5.31
CA ARG A 159 14.60 -16.31 -4.29
C ARG A 159 13.88 -15.00 -3.86
N LEU A 160 12.98 -14.51 -4.74
CA LEU A 160 12.10 -13.47 -4.37
C LEU A 160 11.12 -13.80 -3.22
N CYS A 161 10.88 -15.07 -2.90
CA CYS A 161 10.01 -15.47 -1.80
C CYS A 161 10.78 -16.11 -0.63
N ALA A 162 12.09 -16.21 -0.79
CA ALA A 162 12.92 -16.97 0.19
C ALA A 162 12.80 -16.41 1.61
N LEU A 163 12.61 -15.12 1.81
CA LEU A 163 12.55 -14.49 3.14
C LEU A 163 11.16 -14.50 3.77
N CYS A 164 10.15 -14.84 2.98
CA CYS A 164 8.74 -14.78 3.46
C CYS A 164 8.44 -15.88 4.45
N ALA A 165 7.58 -15.61 5.41
CA ALA A 165 7.34 -16.58 6.46
C ALA A 165 5.98 -17.34 6.34
N GLY A 166 4.95 -16.86 5.62
CA GLY A 166 3.67 -17.52 5.77
C GLY A 166 2.95 -17.09 7.05
N ASP A 167 1.92 -17.84 7.42
CA ASP A 167 1.08 -17.54 8.55
C ASP A 167 1.50 -18.25 9.86
N ASP A 168 0.64 -18.17 10.88
CA ASP A 168 0.86 -18.80 12.20
C ASP A 168 1.45 -20.17 12.09
N GLN A 169 0.95 -20.94 11.11
CA GLN A 169 1.33 -22.31 10.85
C GLN A 169 2.32 -22.56 9.78
N GLY A 170 2.91 -21.51 9.21
CA GLY A 170 3.90 -21.69 8.16
C GLY A 170 3.25 -21.97 6.81
N LEU A 171 1.92 -21.81 6.71
CA LEU A 171 1.22 -21.96 5.44
C LEU A 171 1.17 -20.66 4.70
N ASP A 172 0.91 -20.72 3.38
CA ASP A 172 0.57 -19.56 2.58
C ASP A 172 1.79 -18.61 2.38
N LYS A 173 3.00 -19.21 2.37
CA LYS A 173 4.22 -18.44 2.26
C LYS A 173 4.21 -17.59 0.99
N CYS A 174 4.41 -16.33 1.11
CA CYS A 174 4.53 -15.38 -0.01
C CYS A 174 3.20 -15.00 -0.70
N VAL A 175 1.99 -15.30 -0.06
CA VAL A 175 0.71 -14.84 -0.62
C VAL A 175 0.67 -13.37 -0.46
N PRO A 176 0.15 -12.63 -1.47
CA PRO A 176 0.08 -11.18 -1.28
C PRO A 176 -1.25 -10.80 -0.62
N ASN A 177 -1.39 -11.21 0.62
CA ASN A 177 -2.46 -10.74 1.49
C ASN A 177 -1.87 -10.80 2.91
N SER A 178 -2.59 -10.30 3.88
CA SER A 178 -2.02 -10.15 5.23
C SER A 178 -1.88 -11.44 6.06
N LYS A 179 -2.12 -12.62 5.44
CA LYS A 179 -1.81 -13.90 6.09
C LYS A 179 -0.26 -14.09 6.13
N GLU A 180 0.41 -13.58 5.08
CA GLU A 180 1.87 -13.56 5.00
C GLU A 180 2.42 -12.58 6.11
N LYS A 181 3.23 -13.08 7.00
CA LYS A 181 3.69 -12.31 8.14
C LYS A 181 4.36 -11.00 7.66
N TYR A 182 5.15 -11.01 6.50
CA TYR A 182 5.87 -9.83 6.01
C TYR A 182 5.21 -9.12 4.83
N TYR A 183 3.93 -9.25 4.72
CA TYR A 183 3.16 -8.56 3.70
C TYR A 183 2.91 -7.11 4.02
N GLY A 184 2.89 -6.28 2.99
CA GLY A 184 2.35 -4.91 3.19
C GLY A 184 3.36 -3.97 3.84
N TYR A 185 2.97 -2.72 3.99
CA TYR A 185 3.86 -1.74 4.62
C TYR A 185 4.38 -2.28 5.96
N THR A 186 3.48 -2.73 6.82
CA THR A 186 3.85 -3.17 8.18
C THR A 186 4.72 -4.46 8.18
N GLY A 187 4.38 -5.45 7.33
CA GLY A 187 5.15 -6.70 7.24
C GLY A 187 6.56 -6.48 6.70
N ALA A 188 6.69 -5.68 5.66
CA ALA A 188 8.07 -5.35 5.16
C ALA A 188 8.90 -4.56 6.20
N PHE A 189 8.33 -3.63 6.94
CA PHE A 189 9.12 -3.00 7.99
C PHE A 189 9.47 -4.00 9.11
N ARG A 190 8.55 -4.94 9.40
CA ARG A 190 8.87 -6.02 10.35
C ARG A 190 9.98 -6.91 9.87
N CYS A 191 9.95 -7.25 8.57
CA CYS A 191 10.99 -8.05 7.95
C CYS A 191 12.36 -7.41 8.24
N LEU A 192 12.43 -6.09 8.20
CA LEU A 192 13.68 -5.40 8.47
C LEU A 192 13.97 -5.35 9.98
N ALA A 193 12.97 -5.00 10.79
CA ALA A 193 13.19 -4.86 12.24
C ALA A 193 13.70 -6.17 12.90
N GLU A 194 13.24 -7.31 12.43
CA GLU A 194 13.65 -8.58 12.96
C GLU A 194 14.94 -9.06 12.27
N ASP A 195 15.52 -8.22 11.42
CA ASP A 195 16.77 -8.58 10.72
C ASP A 195 16.69 -9.75 9.79
N VAL A 196 15.52 -10.01 9.24
CA VAL A 196 15.42 -10.95 8.15
C VAL A 196 16.04 -10.36 6.88
N GLY A 197 15.69 -9.11 6.51
CA GLY A 197 16.30 -8.47 5.36
C GLY A 197 17.26 -7.37 5.78
N ASP A 198 18.06 -6.86 4.83
CA ASP A 198 18.89 -5.67 5.07
C ASP A 198 18.23 -4.33 4.75
N VAL A 199 17.20 -4.34 3.90
CA VAL A 199 16.55 -3.11 3.40
C VAL A 199 15.04 -3.37 3.21
N ALA A 200 14.23 -2.39 3.63
CA ALA A 200 12.83 -2.39 3.42
C ALA A 200 12.43 -1.17 2.53
N PHE A 201 11.52 -1.45 1.62
CA PHE A 201 10.99 -0.48 0.76
C PHE A 201 9.55 -0.26 1.19
N VAL A 202 9.38 0.83 1.95
CA VAL A 202 8.08 1.23 2.47
C VAL A 202 7.87 2.69 2.10
N LYS A 203 7.04 3.38 2.87
CA LYS A 203 6.79 4.79 2.68
C LYS A 203 7.18 5.44 4.01
N ASN A 204 7.40 6.75 4.01
CA ASN A 204 7.85 7.49 5.22
C ASN A 204 7.03 7.18 6.51
N ASP A 205 5.69 7.06 6.37
CA ASP A 205 4.79 6.97 7.50
C ASP A 205 5.02 5.72 8.32
N THR A 206 5.40 4.66 7.61
CA THR A 206 5.57 3.36 8.25
C THR A 206 6.61 3.33 9.37
N VAL A 207 7.76 3.94 9.14
CA VAL A 207 8.80 4.04 10.16
C VAL A 207 8.31 4.78 11.43
N TRP A 208 7.58 5.90 11.29
CA TRP A 208 7.02 6.63 12.45
C TRP A 208 5.96 5.86 13.20
N GLU A 209 5.08 5.16 12.48
CA GLU A 209 3.95 4.51 13.08
C GLU A 209 4.35 3.31 13.88
N ASN A 210 5.50 2.73 13.56
CA ASN A 210 5.94 1.54 14.27
C ASN A 210 7.19 1.70 15.12
N THR A 211 7.48 2.93 15.55
CA THR A 211 8.68 3.16 16.37
C THR A 211 8.32 4.07 17.55
N ASN A 212 9.23 4.11 18.54
CA ASN A 212 9.17 5.02 19.66
C ASN A 212 7.84 4.96 20.42
N GLY A 213 7.26 3.76 20.51
CA GLY A 213 6.02 3.56 21.24
C GLY A 213 4.70 3.62 20.47
N GLU A 214 4.73 4.00 19.19
CA GLU A 214 3.48 4.21 18.43
C GLU A 214 2.71 2.92 18.12
N SER A 215 3.39 1.77 18.13
CA SER A 215 2.73 0.50 17.78
C SER A 215 2.06 -0.28 18.94
N THR A 216 2.86 -0.85 19.86
CA THR A 216 2.40 -1.82 20.92
C THR A 216 2.49 -3.30 20.56
N ALA A 217 2.58 -3.58 19.26
CA ALA A 217 2.92 -4.91 18.76
C ALA A 217 4.22 -5.32 19.42
N ASP A 218 4.24 -6.55 19.80
CA ASP A 218 5.36 -7.25 20.46
C ASP A 218 6.72 -7.09 19.77
N TRP A 219 6.76 -7.19 18.40
CA TRP A 219 7.98 -6.99 17.59
C TRP A 219 8.40 -5.53 17.53
N ALA A 220 7.46 -4.62 17.76
CA ALA A 220 7.68 -3.19 17.54
C ALA A 220 7.80 -2.29 18.80
N LYS A 221 7.29 -2.78 19.95
CA LYS A 221 7.49 -2.25 21.35
C LYS A 221 8.82 -1.47 21.60
N ASN A 222 9.92 -2.12 21.29
CA ASN A 222 11.22 -1.63 21.60
C ASN A 222 11.96 -0.97 20.43
N LEU A 223 11.26 -0.68 19.34
CA LEU A 223 11.96 -0.09 18.23
C LEU A 223 12.09 1.45 18.38
N LYS A 224 13.29 2.00 18.08
CA LYS A 224 13.62 3.42 18.23
C LYS A 224 13.94 3.96 16.83
N ARG A 225 13.34 5.10 16.47
CA ARG A 225 13.64 5.80 15.23
C ARG A 225 15.12 5.99 14.92
N GLU A 226 15.86 6.47 16.02
CA GLU A 226 17.31 6.64 15.83
C GLU A 226 18.06 5.38 15.42
N ASP A 227 17.38 4.22 15.44
CA ASP A 227 18.03 2.94 15.03
C ASP A 227 17.99 2.61 13.56
N PHE A 228 17.35 3.50 12.82
CA PHE A 228 17.17 3.39 11.40
C PHE A 228 17.72 4.57 10.67
N ARG A 229 18.12 4.30 9.41
CA ARG A 229 18.49 5.28 8.43
C ARG A 229 17.75 5.08 7.07
N LEU A 230 17.43 6.19 6.40
CA LEU A 230 16.99 6.17 5.00
C LEU A 230 18.18 6.18 4.10
N LEU A 231 18.04 5.44 2.99
CA LEU A 231 19.02 5.49 1.89
C LEU A 231 18.60 6.45 0.76
N CYS A 232 19.46 7.45 0.48
CA CYS A 232 19.17 8.45 -0.55
C CYS A 232 19.79 8.08 -1.86
N LEU A 233 19.21 8.58 -2.93
CA LEU A 233 19.73 8.31 -4.25
C LEU A 233 21.16 8.83 -4.56
N ASP A 234 21.65 9.84 -3.86
CA ASP A 234 23.03 10.28 -4.09
C ASP A 234 24.08 9.45 -3.40
N GLY A 235 23.76 8.29 -2.80
CA GLY A 235 24.78 7.48 -2.07
C GLY A 235 24.82 7.71 -0.57
N THR A 236 24.08 8.68 -0.06
CA THR A 236 24.18 8.99 1.40
C THR A 236 23.14 8.26 2.22
N ARG A 237 23.18 8.52 3.53
CA ARG A 237 22.33 7.91 4.54
C ARG A 237 21.86 8.99 5.50
N LYS A 238 20.56 9.10 5.72
CA LYS A 238 20.03 10.12 6.58
C LYS A 238 19.12 9.61 7.69
N PRO A 239 19.04 10.36 8.82
CA PRO A 239 18.01 10.05 9.85
C PRO A 239 16.65 10.07 9.21
N VAL A 240 15.71 9.47 9.90
CA VAL A 240 14.46 9.24 9.28
C VAL A 240 13.65 10.51 9.33
N THR A 241 14.19 11.52 10.00
CA THR A 241 13.58 12.87 10.07
C THR A 241 13.80 13.67 8.78
N GLU A 242 14.64 13.17 7.85
CA GLU A 242 15.04 13.86 6.60
C GLU A 242 14.37 13.36 5.32
N ALA A 243 13.20 12.77 5.46
CA ALA A 243 12.54 12.18 4.31
C ALA A 243 12.15 13.17 3.18
N GLN A 244 11.74 14.38 3.52
CA GLN A 244 11.59 15.44 2.55
C GLN A 244 12.71 15.60 1.52
N SER A 245 13.90 15.12 1.89
CA SER A 245 15.09 15.38 1.11
C SER A 245 15.86 14.08 0.73
N CYS A 246 15.40 12.93 1.22
CA CYS A 246 16.01 11.63 0.98
C CYS A 246 14.90 10.55 0.75
N HIS A 247 14.17 10.68 -0.34
CA HIS A 247 13.19 9.68 -0.74
C HIS A 247 13.44 9.18 -2.18
N LEU A 248 12.81 8.08 -2.57
CA LEU A 248 12.99 7.55 -3.92
C LEU A 248 12.00 8.21 -4.85
N ALA A 249 10.81 8.54 -4.35
CA ALA A 249 9.80 9.25 -5.15
C ALA A 249 8.63 9.63 -4.27
N VAL A 250 7.71 10.43 -4.81
CA VAL A 250 6.46 10.75 -4.10
C VAL A 250 5.37 9.97 -4.83
N ALA A 251 4.64 9.17 -4.06
CA ALA A 251 3.61 8.24 -4.60
C ALA A 251 2.17 8.82 -4.59
N PRO A 252 1.36 8.48 -5.60
CA PRO A 252 -0.02 8.91 -5.50
C PRO A 252 -0.76 8.11 -4.46
N ASN A 253 -1.61 8.79 -3.69
CA ASN A 253 -2.34 8.14 -2.59
C ASN A 253 -3.19 6.92 -3.10
N HIS A 254 -3.34 5.90 -2.22
CA HIS A 254 -4.30 4.83 -2.38
C HIS A 254 -5.66 5.49 -2.60
N ALA A 255 -6.45 4.84 -3.48
CA ALA A 255 -7.78 5.40 -3.86
C ALA A 255 -8.76 4.22 -3.97
N VAL A 256 -10.04 4.50 -3.72
CA VAL A 256 -11.15 3.58 -3.99
C VAL A 256 -11.37 3.56 -5.48
N VAL A 257 -11.39 2.36 -6.07
CA VAL A 257 -11.79 2.19 -7.49
C VAL A 257 -13.11 1.39 -7.66
N SER A 258 -13.82 1.67 -8.74
CA SER A 258 -15.04 0.95 -9.09
C SER A 258 -15.16 0.94 -10.59
N ARG A 259 -16.16 0.26 -11.09
CA ARG A 259 -16.40 0.19 -12.51
C ARG A 259 -17.01 1.56 -12.86
N SER A 260 -16.68 2.20 -13.97
CA SER A 260 -17.23 3.52 -14.24
C SER A 260 -18.74 3.58 -14.10
N ASP A 261 -19.47 2.59 -14.59
CA ASP A 261 -20.94 2.63 -14.50
C ASP A 261 -21.52 2.55 -13.04
N ARG A 262 -20.66 2.25 -12.03
CA ARG A 262 -21.03 2.21 -10.59
C ARG A 262 -20.47 3.36 -9.77
N ALA A 263 -19.60 4.16 -10.36
CA ALA A 263 -18.79 5.14 -9.66
C ALA A 263 -19.64 6.12 -8.84
N ALA A 264 -20.67 6.70 -9.46
CA ALA A 264 -21.52 7.69 -8.75
C ALA A 264 -22.15 7.10 -7.55
N HIS A 265 -22.68 5.90 -7.72
CA HIS A 265 -23.36 5.24 -6.63
C HIS A 265 -22.39 4.83 -5.49
N VAL A 266 -21.28 4.23 -5.86
CA VAL A 266 -20.25 3.90 -4.87
C VAL A 266 -19.80 5.20 -4.10
N GLU A 267 -19.66 6.31 -4.83
CA GLU A 267 -19.18 7.52 -4.23
C GLU A 267 -20.17 8.02 -3.18
N GLN A 268 -21.45 8.14 -3.53
CA GLN A 268 -22.51 8.53 -2.59
C GLN A 268 -22.58 7.74 -1.24
N VAL A 269 -22.60 6.42 -1.34
CA VAL A 269 -22.63 5.57 -0.17
C VAL A 269 -21.44 5.79 0.81
N LEU A 270 -20.21 5.88 0.22
CA LEU A 270 -18.97 6.02 0.99
C LEU A 270 -18.83 7.34 1.74
N LEU A 271 -19.24 8.48 1.10
CA LEU A 271 -19.34 9.75 1.82
C LEU A 271 -20.22 9.65 3.06
N HIS A 272 -21.34 8.91 2.96
CA HIS A 272 -22.27 8.73 4.05
C HIS A 272 -21.74 7.75 5.05
N GLN A 273 -21.06 6.71 4.59
CA GLN A 273 -20.41 5.77 5.51
C GLN A 273 -19.24 6.40 6.32
N GLN A 274 -18.52 7.36 5.72
CA GLN A 274 -17.49 8.01 6.51
C GLN A 274 -18.06 9.04 7.50
N ALA A 275 -19.11 9.76 7.10
CA ALA A 275 -19.92 10.55 8.03
C ALA A 275 -20.18 9.78 9.37
N LEU A 276 -20.47 8.50 9.29
CA LEU A 276 -20.74 7.64 10.45
C LEU A 276 -19.50 6.98 11.13
N PHE A 277 -18.58 6.38 10.33
CA PHE A 277 -17.45 5.59 10.90
C PHE A 277 -16.05 6.17 10.68
N GLY A 278 -15.97 7.34 10.06
CA GLY A 278 -14.69 8.05 9.93
C GLY A 278 -14.15 8.63 11.24
N LYS A 279 -13.21 9.58 11.12
CA LYS A 279 -12.47 10.13 12.27
C LYS A 279 -13.30 10.84 13.35
N ASN A 280 -14.14 11.78 12.94
CA ASN A 280 -14.99 12.48 13.91
C ASN A 280 -16.41 11.93 13.88
N GLY A 281 -16.55 10.76 13.28
CA GLY A 281 -17.84 10.27 12.86
C GLY A 281 -18.75 9.99 14.01
N LYS A 282 -20.03 10.22 13.72
CA LYS A 282 -21.14 9.92 14.60
C LYS A 282 -20.88 8.70 15.42
N ASN A 283 -20.44 7.61 14.78
CA ASN A 283 -20.38 6.30 15.45
C ASN A 283 -19.05 5.76 15.63
N CYS A 284 -18.03 6.57 15.38
CA CYS A 284 -16.73 5.97 15.38
C CYS A 284 -16.52 5.74 16.82
N PRO A 285 -15.70 6.53 17.52
CA PRO A 285 -14.86 5.87 18.57
C PRO A 285 -15.51 4.73 19.40
N ASP A 286 -16.88 4.80 19.46
CA ASP A 286 -17.82 3.97 20.26
C ASP A 286 -18.45 2.66 19.65
N LYS A 287 -19.00 2.68 18.43
CA LYS A 287 -19.48 1.46 17.81
C LYS A 287 -18.44 0.90 16.84
N PHE A 288 -17.95 1.73 15.91
CA PHE A 288 -17.09 1.21 14.83
C PHE A 288 -16.25 2.32 14.13
N CYS A 289 -14.96 2.06 13.97
CA CYS A 289 -14.12 2.93 13.18
C CYS A 289 -13.63 2.26 11.87
N LEU A 290 -14.00 2.83 10.73
CA LEU A 290 -13.47 2.41 9.44
C LEU A 290 -11.94 2.46 9.29
N PHE A 291 -11.31 3.53 9.78
CA PHE A 291 -9.86 3.71 9.60
C PHE A 291 -8.98 3.22 10.75
N LYS A 292 -9.45 2.29 11.49
CA LYS A 292 -8.71 1.69 12.59
C LYS A 292 -8.72 0.17 12.53
N SER A 293 -7.52 -0.50 12.59
CA SER A 293 -7.34 -1.96 12.65
C SER A 293 -6.01 -2.35 13.31
N GLU A 294 -5.68 -1.72 14.45
CA GLU A 294 -4.41 -2.01 15.14
C GLU A 294 -3.19 -2.08 14.21
N THR A 295 -2.82 -0.97 13.54
CA THR A 295 -1.58 -0.87 12.71
C THR A 295 -1.49 -1.87 11.57
N LYS A 296 -2.62 -2.53 11.24
CA LYS A 296 -2.62 -3.57 10.26
C LYS A 296 -3.07 -3.07 8.91
N ASN A 297 -3.64 -1.87 8.86
CA ASN A 297 -4.02 -1.24 7.60
C ASN A 297 -4.99 -2.17 6.85
N LEU A 298 -6.08 -2.52 7.51
CA LEU A 298 -7.04 -3.47 6.90
C LEU A 298 -8.08 -2.67 6.14
N LEU A 299 -8.24 -2.95 4.86
CA LEU A 299 -9.15 -2.20 3.96
C LEU A 299 -8.68 -0.80 3.62
N PHE A 300 -8.30 0.00 4.65
CA PHE A 300 -7.80 1.38 4.48
C PHE A 300 -6.52 1.48 5.29
N ASN A 301 -5.66 2.43 4.98
CA ASN A 301 -4.52 2.67 5.84
C ASN A 301 -4.98 3.29 7.20
N ASP A 302 -4.39 2.79 8.29
CA ASP A 302 -4.72 3.28 9.63
C ASP A 302 -4.57 4.76 9.84
N ASN A 303 -3.73 5.41 9.05
CA ASN A 303 -3.56 6.87 9.16
C ASN A 303 -4.51 7.76 8.35
N THR A 304 -5.52 7.15 7.73
CA THR A 304 -6.39 7.92 6.89
C THR A 304 -7.31 8.83 7.76
N GLU A 305 -7.31 10.12 7.46
CA GLU A 305 -8.16 11.10 8.14
C GLU A 305 -9.55 11.11 7.47
N CYS A 306 -9.55 11.09 6.13
CA CYS A 306 -10.81 10.89 5.40
C CYS A 306 -10.51 10.30 4.02
N LEU A 307 -11.61 9.92 3.34
CA LEU A 307 -11.71 9.80 1.87
C LEU A 307 -12.17 11.10 1.18
N ALA A 308 -11.43 11.53 0.17
CA ALA A 308 -11.54 12.86 -0.41
C ALA A 308 -12.00 12.78 -1.86
N LYS A 309 -12.92 13.69 -2.25
CA LYS A 309 -13.38 13.74 -3.67
C LYS A 309 -12.20 14.13 -4.52
N LEU A 310 -12.25 13.84 -5.81
CA LEU A 310 -11.09 14.07 -6.65
C LEU A 310 -11.00 15.44 -7.40
N GLY A 311 -11.94 15.89 -8.21
CA GLY A 311 -11.72 17.21 -8.82
C GLY A 311 -10.82 17.13 -10.04
N GLY A 312 -11.41 17.38 -11.20
CA GLY A 312 -10.76 17.23 -12.51
C GLY A 312 -11.34 15.96 -13.07
N ARG A 313 -12.28 15.38 -12.33
CA ARG A 313 -12.80 14.04 -12.60
C ARG A 313 -11.72 13.18 -13.30
N PRO A 314 -10.61 12.91 -12.58
CA PRO A 314 -9.48 12.38 -13.35
C PRO A 314 -9.65 10.96 -13.87
N THR A 315 -9.10 10.70 -15.05
CA THR A 315 -8.88 9.32 -15.46
C THR A 315 -7.82 8.67 -14.54
N TYR A 316 -7.64 7.35 -14.65
CA TYR A 316 -6.66 6.66 -13.82
C TYR A 316 -5.22 7.18 -14.18
N GLU A 317 -5.04 7.65 -15.41
CA GLU A 317 -3.73 8.11 -15.93
C GLU A 317 -3.35 9.44 -15.40
N GLU A 318 -4.31 10.33 -15.48
CA GLU A 318 -4.29 11.61 -14.79
C GLU A 318 -4.19 11.50 -13.28
N TYR A 319 -4.85 10.51 -12.69
CA TYR A 319 -4.77 10.35 -11.25
C TYR A 319 -3.34 9.94 -10.88
N LEU A 320 -2.74 9.04 -11.63
CA LEU A 320 -1.44 8.57 -11.24
C LEU A 320 -0.32 9.55 -11.64
N GLY A 321 -0.55 10.29 -12.74
CA GLY A 321 0.41 11.22 -13.35
C GLY A 321 1.31 10.57 -14.38
N THR A 322 1.78 11.39 -15.38
CA THR A 322 2.63 10.93 -16.51
C THR A 322 3.99 10.45 -15.97
N GLU A 323 4.53 11.15 -14.95
CA GLU A 323 5.74 10.71 -14.24
C GLU A 323 5.59 9.21 -13.86
N TYR A 324 4.60 8.89 -13.03
CA TYR A 324 4.45 7.53 -12.52
C TYR A 324 4.10 6.49 -13.58
N VAL A 325 3.15 6.82 -14.48
CA VAL A 325 2.71 5.88 -15.54
C VAL A 325 3.84 5.47 -16.51
N THR A 326 4.75 6.38 -16.81
CA THR A 326 5.77 5.94 -17.77
C THR A 326 6.78 5.04 -17.06
N ALA A 327 7.14 5.37 -15.82
CA ALA A 327 7.92 4.43 -14.98
C ALA A 327 7.39 2.94 -15.00
N ILE A 328 6.08 2.74 -14.81
CA ILE A 328 5.50 1.38 -14.78
C ILE A 328 5.47 0.68 -16.12
N ALA A 329 5.09 1.42 -17.18
CA ALA A 329 5.16 0.93 -18.58
C ALA A 329 6.54 0.35 -18.89
N ASN A 330 7.57 1.18 -18.68
CA ASN A 330 8.97 0.84 -18.79
C ASN A 330 9.41 -0.39 -17.98
N LEU A 331 8.97 -0.49 -16.73
CA LEU A 331 9.32 -1.64 -15.85
C LEU A 331 8.61 -2.90 -16.32
N LYS A 332 7.41 -2.75 -16.85
CA LYS A 332 6.57 -3.91 -17.21
C LYS A 332 7.12 -4.57 -18.46
N LYS A 333 7.82 -3.79 -19.27
CA LYS A 333 8.57 -4.32 -20.41
C LYS A 333 9.33 -5.58 -20.02
N CYS A 334 10.00 -5.53 -18.87
CA CYS A 334 10.79 -6.67 -18.42
C CYS A 334 10.02 -7.99 -18.24
N SER A 335 8.89 -7.93 -17.51
CA SER A 335 7.94 -9.05 -17.42
C SER A 335 7.14 -9.17 -18.72
N LEU A 340 1.76 -2.27 -26.56
CA LEU A 340 2.21 -2.34 -25.19
C LEU A 340 1.09 -1.85 -24.23
N GLU A 341 -0.14 -2.26 -24.53
CA GLU A 341 -1.33 -1.74 -23.83
C GLU A 341 -2.53 -2.70 -23.82
N ALA A 342 -2.84 -3.27 -22.65
CA ALA A 342 -4.00 -4.18 -22.54
C ALA A 342 -4.34 -4.54 -21.09
N CYS A 343 -5.63 -4.73 -20.85
CA CYS A 343 -6.12 -5.35 -19.63
C CYS A 343 -5.51 -6.75 -19.49
N ALA A 344 -4.55 -6.89 -18.55
CA ALA A 344 -3.89 -8.18 -18.20
C ALA A 344 -4.87 -9.32 -17.83
N PHE A 345 -6.16 -9.02 -17.91
CA PHE A 345 -7.23 -10.01 -17.77
C PHE A 345 -8.16 -9.90 -18.97
C1 NAG B . 13.71 4.60 -16.18
C2 NAG B . 12.62 5.40 -15.47
C3 NAG B . 11.57 6.03 -16.40
C4 NAG B . 12.14 6.49 -17.76
C5 NAG B . 13.06 5.41 -18.32
C6 NAG B . 13.71 5.74 -19.66
C7 NAG B . 11.95 5.01 -13.20
C8 NAG B . 10.95 4.40 -12.27
N2 NAG B . 12.00 4.55 -14.45
O3 NAG B . 10.98 7.10 -15.67
O4 NAG B . 11.10 6.74 -18.72
O5 NAG B . 14.11 5.17 -17.40
O6 NAG B . 14.41 6.96 -19.51
O7 NAG B . 12.68 5.93 -12.80
C1 NAG B . 11.21 7.91 -19.56
C2 NAG B . 10.44 7.88 -20.90
C3 NAG B . 10.12 9.25 -21.50
C4 NAG B . 9.98 10.47 -20.56
C5 NAG B . 10.94 10.26 -19.37
C6 NAG B . 10.93 11.35 -18.29
C7 NAG B . 10.95 5.99 -22.47
C8 NAG B . 11.85 5.57 -23.59
N2 NAG B . 11.21 7.19 -21.92
O3 NAG B . 8.97 9.03 -22.31
O4 NAG B . 10.35 11.64 -21.29
O5 NAG B . 10.74 8.99 -18.77
O6 NAG B . 9.99 11.07 -17.26
O7 NAG B . 10.05 5.23 -22.08
C1 MAN B . 9.65 12.93 -21.26
C2 MAN B . 8.21 12.95 -21.83
C3 MAN B . 7.80 14.40 -22.11
C4 MAN B . 8.17 15.37 -20.96
C5 MAN B . 9.56 15.11 -20.34
C6 MAN B . 9.79 15.96 -19.07
O2 MAN B . 7.28 12.35 -20.95
O3 MAN B . 6.40 14.47 -22.30
O4 MAN B . 8.15 16.71 -21.41
O5 MAN B . 9.73 13.72 -20.06
O6 MAN B . 8.67 16.75 -18.70
C1 NAG C . -28.74 2.64 4.87
C2 NAG C . -28.53 3.65 6.01
C3 NAG C . -29.72 4.60 6.13
C4 NAG C . -30.32 5.11 4.79
C5 NAG C . -30.12 4.19 3.56
C6 NAG C . -29.95 4.98 2.26
C7 NAG C . -27.08 2.99 7.99
C8 NAG C . -27.21 2.57 9.43
N2 NAG C . -28.25 2.99 7.29
O3 NAG C . -29.29 5.74 6.86
O4 NAG C . -31.69 5.53 4.95
O5 NAG C . -28.97 3.34 3.66
O6 NAG C . -28.83 5.85 2.34
O7 NAG C . -25.94 3.25 7.56
C1 NAG C . -31.74 6.97 4.69
C2 NAG C . -33.14 7.59 4.40
C3 NAG C . -33.01 9.10 4.13
C4 NAG C . -32.18 9.77 5.23
C5 NAG C . -30.81 9.07 5.22
C6 NAG C . -29.69 9.74 6.02
C7 NAG C . -33.57 6.24 2.28
C8 NAG C . -32.75 6.91 1.20
N2 NAG C . -33.94 6.97 3.35
O3 NAG C . -34.26 9.74 3.99
O4 NAG C . -32.13 11.17 5.04
O5 NAG C . -31.06 7.75 5.66
O6 NAG C . -29.83 9.48 7.39
O7 NAG C . -33.93 5.05 2.18
C1 NAG D . 6.58 11.13 7.67
C2 NAG D . 6.20 12.60 7.53
C3 NAG D . 5.80 13.22 8.86
C4 NAG D . 4.70 12.43 9.57
C5 NAG D . 5.15 10.96 9.61
C6 NAG D . 4.05 10.04 10.12
C7 NAG D . 7.42 13.85 5.93
C8 NAG D . 8.69 14.63 5.64
N2 NAG D . 7.37 13.34 7.13
O3 NAG D . 5.43 14.57 8.67
O4 NAG D . 4.62 12.96 10.87
O5 NAG D . 5.51 10.51 8.31
O6 NAG D . 2.91 10.39 9.38
O7 NAG D . 6.48 13.68 5.13
C1 NAG D . 3.29 13.25 11.32
C2 NAG D . 3.18 13.11 12.86
C3 NAG D . 1.89 13.74 13.38
C4 NAG D . 1.59 15.11 12.77
C5 NAG D . 1.67 15.07 11.22
C6 NAG D . 1.50 16.45 10.59
C7 NAG D . 3.96 11.00 14.05
C8 NAG D . 3.64 9.54 14.27
N2 NAG D . 3.13 11.71 13.25
O3 NAG D . 1.90 13.84 14.80
O4 NAG D . 0.32 15.54 13.25
O5 NAG D . 2.93 14.53 10.80
O6 NAG D . 2.01 16.51 9.27
O7 NAG D . 4.97 11.47 14.60
C1 IBP E . 0.61 14.66 -13.68
C2 IBP E . 0.30 13.16 -7.63
C3 IBP E . 0.89 12.95 -6.23
C4 IBP E . 1.95 14.00 -5.92
C5 IBP E . -0.14 12.86 -5.09
C6 IBP E . -0.55 15.32 -12.97
C7 IBP E . -1.87 14.80 -13.56
C8 IBP E . -0.31 14.77 -11.60
C9 IBP E . 0.98 14.75 -11.04
C10 IBP E . 1.18 14.23 -9.76
C11 IBP E . 0.09 13.73 -9.03
C12 IBP E . -1.20 13.75 -9.58
C13 IBP E . -1.40 14.27 -10.86
O1 IBP E . 0.42 14.23 -14.83
O2 IBP E . 1.72 14.55 -13.10
FE FE F . 1.33 2.22 -1.56
C CO3 G . 3.21 0.35 -1.38
O1 CO3 G . 2.01 0.05 -0.98
O2 CO3 G . 3.47 1.49 -1.98
O3 CO3 G . 4.17 -0.44 -1.20
ZN ZN H . -9.13 15.17 -16.86
ZN ZN I . 11.21 14.44 -4.46
S SO4 J . 25.00 6.76 9.66
O1 SO4 J . 23.69 6.91 9.10
O2 SO4 J . 25.89 7.40 8.69
O3 SO4 J . 25.02 7.49 10.94
O4 SO4 J . 25.34 5.35 9.84
#